data_1GPQ
#
_entry.id   1GPQ
#
_cell.length_a   55.490
_cell.length_b   59.560
_cell.length_c   69.200
_cell.angle_alpha   90.00
_cell.angle_beta   95.39
_cell.angle_gamma   90.00
#
_symmetry.space_group_name_H-M   'P 1 21 1'
#
loop_
_entity.id
_entity.type
_entity.pdbx_description
1 polymer 'INHIBITOR OF VERTEBRATE LYSOZYME'
2 polymer 'LYSOZYME C'
3 water water
#
loop_
_entity_poly.entity_id
_entity_poly.type
_entity_poly.pdbx_seq_one_letter_code
_entity_poly.pdbx_strand_id
1 'polypeptide(L)'
;QDDLTISSLAKGETTKAAFNQMVQGHKLPAWVMKGGTYTPAQTVTLGDETYQVMSACKPHDCGSQRIAVMWSEKSNQMTG
LFSTIDEKTSQEKLTWLNVNDALSIDGKTVLFAALTGSLENHPDGFNFRHHHHHH
;
A,B
2 'polypeptide(L)'
;KVFGRCELAAAMKRHGLDNYRGYSLGNWVCAAKFESNFNTQATNRNTDGSTDYGILQINSRWWCNDGRTPGSRNLCNIPC
SALLSSDITASVNCAKKIVSDGNGMNAWVAWRNRCKGTDVQAWIRGCRL
;
C,D
#
# COMPACT_ATOMS: atom_id res chain seq x y z
N ASP A 2 10.17 -22.74 17.69
CA ASP A 2 8.85 -22.48 17.05
C ASP A 2 8.59 -20.99 16.81
N ASP A 3 8.93 -20.53 15.61
CA ASP A 3 8.71 -19.12 15.30
C ASP A 3 7.25 -18.90 15.00
N LEU A 4 6.75 -17.73 15.38
CA LEU A 4 5.38 -17.36 15.07
C LEU A 4 5.40 -17.01 13.57
N THR A 5 4.52 -17.67 12.82
CA THR A 5 4.40 -17.42 11.38
C THR A 5 2.94 -17.49 10.97
N ILE A 6 2.65 -17.06 9.75
CA ILE A 6 1.27 -17.15 9.29
C ILE A 6 0.86 -18.62 9.22
N SER A 7 1.81 -19.47 8.87
CA SER A 7 1.57 -20.89 8.78
C SER A 7 1.27 -21.49 10.15
N SER A 8 2.03 -21.10 11.17
CA SER A 8 1.79 -21.63 12.53
C SER A 8 0.45 -21.13 13.05
N LEU A 9 0.06 -19.91 12.68
CA LEU A 9 -1.25 -19.42 13.13
C LEU A 9 -2.37 -20.24 12.50
N ALA A 10 -2.23 -20.56 11.21
CA ALA A 10 -3.23 -21.32 10.49
C ALA A 10 -3.42 -22.73 11.05
N LYS A 11 -2.38 -23.28 11.66
CA LYS A 11 -2.43 -24.63 12.20
C LYS A 11 -2.61 -24.69 13.71
N GLY A 12 -2.45 -23.55 14.37
CA GLY A 12 -2.57 -23.49 15.82
C GLY A 12 -3.94 -23.79 16.37
N GLU A 13 -4.00 -24.56 17.45
CA GLU A 13 -5.30 -24.91 18.02
C GLU A 13 -6.13 -23.69 18.41
N THR A 14 -5.49 -22.70 19.02
CA THR A 14 -6.20 -21.51 19.47
C THR A 14 -6.31 -20.39 18.45
N THR A 15 -5.66 -20.56 17.31
CA THR A 15 -5.67 -19.52 16.28
C THR A 15 -6.25 -19.93 14.92
N LYS A 16 -6.41 -21.22 14.71
CA LYS A 16 -6.91 -21.73 13.44
C LYS A 16 -8.26 -21.18 13.06
N ALA A 17 -9.14 -21.02 14.04
CA ALA A 17 -10.48 -20.50 13.75
C ALA A 17 -10.38 -19.06 13.26
N ALA A 18 -9.51 -18.28 13.89
CA ALA A 18 -9.33 -16.90 13.48
C ALA A 18 -8.74 -16.84 12.06
N PHE A 19 -7.82 -17.75 11.73
CA PHE A 19 -7.23 -17.75 10.39
C PHE A 19 -8.30 -18.07 9.35
N ASN A 20 -9.16 -19.05 9.66
CA ASN A 20 -10.21 -19.43 8.72
C ASN A 20 -11.13 -18.29 8.43
N GLN A 21 -11.40 -17.48 9.45
CA GLN A 21 -12.28 -16.33 9.28
C GLN A 21 -11.58 -15.29 8.41
N MET A 22 -10.28 -15.14 8.58
CA MET A 22 -9.56 -14.16 7.77
C MET A 22 -9.62 -14.50 6.29
N VAL A 23 -9.40 -15.77 5.95
CA VAL A 23 -9.38 -16.18 4.55
C VAL A 23 -10.72 -16.60 3.96
N GLN A 24 -11.78 -16.53 4.77
CA GLN A 24 -13.11 -16.89 4.30
C GLN A 24 -13.47 -16.16 2.99
N GLY A 25 -13.90 -16.90 1.98
CA GLY A 25 -14.28 -16.29 0.73
C GLY A 25 -13.14 -16.06 -0.24
N HIS A 26 -11.92 -16.32 0.22
CA HIS A 26 -10.77 -16.12 -0.64
C HIS A 26 -10.14 -17.49 -0.86
N LYS A 27 -9.56 -17.71 -2.03
CA LYS A 27 -8.92 -18.99 -2.33
C LYS A 27 -7.43 -18.71 -2.53
N LEU A 28 -6.66 -18.76 -1.45
CA LEU A 28 -5.24 -18.47 -1.53
C LEU A 28 -4.40 -19.65 -2.03
N PRO A 29 -3.21 -19.36 -2.57
CA PRO A 29 -2.31 -20.41 -3.07
C PRO A 29 -1.95 -21.32 -1.90
N ALA A 30 -1.65 -22.59 -2.22
CA ALA A 30 -1.32 -23.54 -1.18
C ALA A 30 -0.07 -23.19 -0.40
N TRP A 31 0.83 -22.39 -0.99
CA TRP A 31 2.04 -22.09 -0.25
C TRP A 31 1.83 -21.33 1.05
N VAL A 32 0.73 -20.60 1.17
CA VAL A 32 0.52 -19.83 2.39
C VAL A 32 0.40 -20.71 3.63
N MET A 33 -0.51 -21.68 3.60
CA MET A 33 -0.67 -22.56 4.75
C MET A 33 0.53 -23.48 4.95
N LYS A 34 1.16 -23.87 3.85
CA LYS A 34 2.33 -24.75 3.93
C LYS A 34 3.48 -24.05 4.65
N GLY A 35 3.54 -22.73 4.50
CA GLY A 35 4.59 -21.94 5.12
C GLY A 35 5.61 -21.46 4.10
N GLY A 36 5.46 -20.20 3.67
CA GLY A 36 6.38 -19.66 2.69
C GLY A 36 7.64 -19.11 3.34
N THR A 37 8.39 -18.34 2.57
CA THR A 37 9.63 -17.72 3.03
C THR A 37 9.22 -16.54 3.89
N TYR A 38 9.61 -16.57 5.15
CA TYR A 38 9.17 -15.57 6.10
C TYR A 38 10.25 -14.82 6.88
N THR A 39 9.82 -13.78 7.60
CA THR A 39 10.74 -13.07 8.48
C THR A 39 10.05 -13.02 9.84
N PRO A 40 10.80 -12.63 10.89
CA PRO A 40 10.21 -12.57 12.22
C PRO A 40 9.05 -11.61 12.35
N ALA A 41 8.10 -12.00 13.19
CA ALA A 41 6.95 -11.16 13.50
C ALA A 41 7.46 -9.92 14.25
N GLN A 42 6.74 -8.82 14.12
CA GLN A 42 7.11 -7.57 14.77
C GLN A 42 5.91 -7.02 15.51
N THR A 43 6.16 -6.33 16.61
CA THR A 43 5.08 -5.77 17.40
C THR A 43 4.71 -4.38 16.91
N VAL A 44 3.41 -4.13 16.71
CA VAL A 44 2.94 -2.82 16.29
C VAL A 44 1.74 -2.49 17.17
N THR A 45 1.69 -1.26 17.66
CA THR A 45 0.59 -0.82 18.51
C THR A 45 -0.23 0.28 17.83
N LEU A 46 -1.50 -0.01 17.60
CA LEU A 46 -2.44 0.91 16.97
C LEU A 46 -3.48 1.28 18.00
N GLY A 47 -3.49 2.55 18.41
CA GLY A 47 -4.43 2.95 19.43
C GLY A 47 -3.90 2.30 20.70
N ASP A 48 -4.75 1.56 21.41
CA ASP A 48 -4.31 0.87 22.62
C ASP A 48 -4.33 -0.62 22.36
N GLU A 49 -4.17 -1.00 21.10
CA GLU A 49 -4.21 -2.40 20.74
C GLU A 49 -2.87 -2.84 20.15
N THR A 50 -2.35 -3.96 20.65
CA THR A 50 -1.08 -4.45 20.16
C THR A 50 -1.29 -5.59 19.18
N TYR A 51 -0.50 -5.59 18.10
CA TYR A 51 -0.62 -6.63 17.10
C TYR A 51 0.73 -7.23 16.79
N GLN A 52 0.71 -8.47 16.32
CA GLN A 52 1.92 -9.12 15.86
C GLN A 52 1.71 -9.03 14.35
N VAL A 53 2.68 -8.45 13.66
CA VAL A 53 2.57 -8.28 12.21
C VAL A 53 3.65 -9.14 11.55
N MET A 54 3.24 -9.95 10.59
CA MET A 54 4.18 -10.85 9.92
C MET A 54 3.91 -10.90 8.44
N SER A 55 4.88 -11.43 7.70
CA SER A 55 4.68 -11.60 6.27
C SER A 55 5.40 -12.85 5.79
N ALA A 56 5.03 -13.29 4.59
CA ALA A 56 5.67 -14.44 3.96
C ALA A 56 5.52 -14.30 2.45
N CYS A 57 6.41 -14.93 1.69
CA CYS A 57 6.32 -14.87 0.23
C CYS A 57 6.46 -16.25 -0.35
N LYS A 58 6.04 -16.36 -1.60
CA LYS A 58 6.09 -17.63 -2.33
C LYS A 58 7.53 -18.13 -2.48
N PRO A 59 7.83 -19.32 -1.93
CA PRO A 59 9.20 -19.86 -2.03
C PRO A 59 9.74 -19.84 -3.45
N HIS A 60 10.94 -19.28 -3.57
CA HIS A 60 11.66 -19.18 -4.83
C HIS A 60 10.97 -18.34 -5.91
N ASP A 61 9.96 -17.58 -5.53
CA ASP A 61 9.29 -16.65 -6.45
C ASP A 61 8.79 -15.53 -5.55
N CYS A 62 9.69 -15.08 -4.67
CA CYS A 62 9.32 -14.15 -3.63
C CYS A 62 8.83 -12.79 -4.06
N GLY A 63 9.46 -12.22 -5.06
CA GLY A 63 9.04 -10.92 -5.54
C GLY A 63 7.72 -10.96 -6.30
N SER A 64 7.17 -12.15 -6.55
CA SER A 64 5.92 -12.25 -7.30
C SER A 64 4.64 -12.36 -6.51
N GLN A 65 4.70 -12.97 -5.34
CA GLN A 65 3.50 -13.17 -4.56
C GLN A 65 3.84 -13.19 -3.09
N ARG A 66 3.06 -12.49 -2.29
CA ARG A 66 3.37 -12.41 -0.88
C ARG A 66 2.13 -12.07 -0.08
N ILE A 67 2.24 -12.21 1.23
CA ILE A 67 1.11 -11.95 2.12
C ILE A 67 1.58 -11.36 3.45
N ALA A 68 0.77 -10.47 4.01
CA ALA A 68 1.05 -9.85 5.31
C ALA A 68 -0.17 -10.10 6.18
N VAL A 69 0.05 -10.30 7.47
CA VAL A 69 -1.04 -10.57 8.42
C VAL A 69 -0.81 -9.84 9.72
N MET A 70 -1.87 -9.28 10.31
CA MET A 70 -1.69 -8.67 11.62
C MET A 70 -2.62 -9.45 12.55
N TRP A 71 -2.09 -9.86 13.69
CA TRP A 71 -2.85 -10.68 14.62
C TRP A 71 -2.92 -10.08 16.01
N SER A 72 -4.15 -9.93 16.49
CA SER A 72 -4.41 -9.40 17.83
C SER A 72 -4.88 -10.56 18.72
N GLU A 73 -4.08 -10.93 19.70
CA GLU A 73 -4.48 -12.00 20.61
C GLU A 73 -5.66 -11.50 21.43
N LYS A 74 -5.58 -10.22 21.80
CA LYS A 74 -6.60 -9.56 22.61
C LYS A 74 -7.98 -9.82 22.06
N SER A 75 -8.14 -9.71 20.75
CA SER A 75 -9.44 -9.94 20.12
C SER A 75 -9.41 -11.26 19.37
N ASN A 76 -8.23 -11.86 19.26
CA ASN A 76 -8.06 -13.14 18.56
C ASN A 76 -8.05 -12.92 17.04
N GLN A 77 -8.62 -11.79 16.61
CA GLN A 77 -8.75 -11.43 15.20
C GLN A 77 -7.50 -11.38 14.34
N MET A 78 -7.66 -11.80 13.09
CA MET A 78 -6.59 -11.85 12.12
C MET A 78 -7.01 -11.14 10.85
N THR A 79 -6.20 -10.17 10.42
CA THR A 79 -6.49 -9.40 9.21
C THR A 79 -5.29 -9.48 8.30
N GLY A 80 -5.51 -9.56 6.99
CA GLY A 80 -4.38 -9.70 6.10
C GLY A 80 -4.48 -9.01 4.77
N LEU A 81 -3.39 -9.15 4.02
CA LEU A 81 -3.25 -8.55 2.70
C LEU A 81 -2.48 -9.51 1.80
N PHE A 82 -3.08 -9.89 0.68
CA PHE A 82 -2.42 -10.77 -0.28
C PHE A 82 -2.05 -9.89 -1.48
N SER A 83 -0.84 -10.06 -1.99
CA SER A 83 -0.37 -9.24 -3.08
C SER A 83 0.31 -10.03 -4.17
N THR A 84 -0.10 -9.81 -5.42
CA THR A 84 0.55 -10.47 -6.55
C THR A 84 1.08 -9.38 -7.46
N ILE A 85 2.33 -9.55 -7.91
CA ILE A 85 3.02 -8.56 -8.72
C ILE A 85 3.26 -8.92 -10.17
N ASP A 86 3.07 -7.92 -11.04
CA ASP A 86 3.30 -8.05 -12.48
C ASP A 86 4.35 -7.00 -12.85
N GLU A 87 5.61 -7.42 -12.84
CA GLU A 87 6.75 -6.52 -13.13
C GLU A 87 6.63 -5.83 -14.48
N LYS A 88 6.21 -6.59 -15.49
CA LYS A 88 6.09 -6.04 -16.84
C LYS A 88 5.11 -4.89 -17.01
N THR A 89 4.17 -4.74 -16.07
CA THR A 89 3.18 -3.67 -16.17
C THR A 89 3.27 -2.71 -15.00
N SER A 90 4.27 -2.92 -14.14
CA SER A 90 4.46 -2.09 -12.95
C SER A 90 3.19 -2.10 -12.12
N GLN A 91 2.46 -3.21 -12.16
CA GLN A 91 1.22 -3.34 -11.40
C GLN A 91 1.29 -4.33 -10.24
N GLU A 92 0.37 -4.17 -9.29
CA GLU A 92 0.33 -5.00 -8.08
C GLU A 92 -1.15 -5.16 -7.73
N LYS A 93 -1.61 -6.40 -7.60
CA LYS A 93 -3.01 -6.67 -7.28
C LYS A 93 -3.14 -7.06 -5.82
N LEU A 94 -3.94 -6.30 -5.08
CA LEU A 94 -4.13 -6.52 -3.66
C LEU A 94 -5.46 -7.14 -3.33
N THR A 95 -5.45 -8.13 -2.42
CA THR A 95 -6.71 -8.71 -1.95
C THR A 95 -6.70 -8.46 -0.44
N TRP A 96 -7.67 -7.69 0.05
CA TRP A 96 -7.77 -7.39 1.48
C TRP A 96 -8.53 -8.51 2.16
N LEU A 97 -7.93 -9.07 3.21
CA LEU A 97 -8.49 -10.24 3.91
C LEU A 97 -9.08 -9.92 5.28
N ASN A 98 -10.41 -9.89 5.34
CA ASN A 98 -11.09 -9.66 6.62
C ASN A 98 -10.68 -8.37 7.35
N VAL A 99 -10.63 -7.25 6.61
CA VAL A 99 -10.26 -5.98 7.24
C VAL A 99 -11.50 -5.36 7.91
N ASN A 100 -11.54 -5.39 9.23
CA ASN A 100 -12.66 -4.81 9.97
C ASN A 100 -12.49 -3.30 9.96
N ASP A 101 -13.52 -2.59 10.39
CA ASP A 101 -13.44 -1.13 10.37
C ASP A 101 -12.29 -0.50 11.18
N ALA A 102 -11.98 -1.09 12.33
CA ALA A 102 -10.91 -0.58 13.18
C ALA A 102 -9.56 -0.53 12.47
N LEU A 103 -9.35 -1.44 11.54
CA LEU A 103 -8.06 -1.49 10.82
C LEU A 103 -8.14 -0.94 9.40
N SER A 104 -9.26 -0.33 9.05
CA SER A 104 -9.46 0.15 7.67
C SER A 104 -8.62 1.32 7.18
N ILE A 105 -7.98 2.06 8.07
CA ILE A 105 -7.11 3.14 7.64
C ILE A 105 -5.68 2.80 8.03
N ASP A 106 -5.34 2.95 9.30
CA ASP A 106 -3.96 2.66 9.71
C ASP A 106 -3.55 1.18 9.62
N GLY A 107 -4.51 0.26 9.76
CA GLY A 107 -4.21 -1.16 9.64
C GLY A 107 -3.76 -1.48 8.23
N LYS A 108 -4.47 -0.93 7.24
CA LYS A 108 -4.09 -1.16 5.84
C LYS A 108 -2.68 -0.61 5.58
N THR A 109 -2.39 0.56 6.14
CA THR A 109 -1.08 1.15 5.98
C THR A 109 0.01 0.26 6.56
N VAL A 110 -0.24 -0.30 7.75
CA VAL A 110 0.74 -1.18 8.39
C VAL A 110 0.95 -2.45 7.57
N LEU A 111 -0.12 -3.08 7.11
CA LEU A 111 0.02 -4.30 6.30
C LEU A 111 0.79 -4.02 5.03
N PHE A 112 0.53 -2.87 4.39
CA PHE A 112 1.27 -2.53 3.18
C PHE A 112 2.76 -2.29 3.49
N ALA A 113 3.03 -1.65 4.64
CA ALA A 113 4.40 -1.39 5.09
C ALA A 113 5.14 -2.70 5.36
N ALA A 114 4.40 -3.72 5.81
CA ALA A 114 5.02 -5.01 6.06
C ALA A 114 5.52 -5.59 4.73
N LEU A 115 4.79 -5.33 3.65
CA LEU A 115 5.20 -5.83 2.33
C LEU A 115 6.24 -4.98 1.60
N THR A 116 6.21 -3.66 1.76
CA THR A 116 7.21 -2.84 1.05
C THR A 116 8.57 -2.99 1.67
N GLY A 117 8.60 -3.21 2.98
CA GLY A 117 9.86 -3.32 3.69
C GLY A 117 10.06 -2.16 4.67
N SER A 118 9.16 -1.17 4.63
CA SER A 118 9.32 -0.05 5.54
C SER A 118 9.13 -0.46 7.00
N LEU A 119 8.24 -1.42 7.26
CA LEU A 119 8.01 -1.84 8.66
C LEU A 119 9.27 -2.53 9.22
N GLU A 120 9.94 -3.33 8.39
CA GLU A 120 11.15 -3.99 8.87
C GLU A 120 12.33 -3.06 9.00
N ASN A 121 12.41 -2.07 8.12
CA ASN A 121 13.50 -1.11 8.17
C ASN A 121 13.30 0.00 9.21
N HIS A 122 12.04 0.25 9.60
CA HIS A 122 11.69 1.27 10.60
C HIS A 122 10.72 0.66 11.60
N PRO A 123 11.20 -0.28 12.42
CA PRO A 123 10.35 -0.95 13.40
C PRO A 123 9.57 -0.09 14.39
N ASP A 124 10.04 1.12 14.68
CA ASP A 124 9.30 1.99 15.60
C ASP A 124 8.59 3.13 14.90
N GLY A 125 8.39 3.00 13.59
CA GLY A 125 7.74 4.09 12.89
C GLY A 125 6.28 3.88 12.56
N PHE A 126 5.67 2.81 13.06
CA PHE A 126 4.27 2.56 12.69
C PHE A 126 3.28 2.40 13.82
N ASN A 127 3.61 2.92 15.00
CA ASN A 127 2.70 2.81 16.13
C ASN A 127 1.75 4.02 16.15
N PHE A 128 0.84 4.06 15.20
CA PHE A 128 -0.12 5.15 15.08
C PHE A 128 -1.06 5.29 16.28
N ASP B 2 -5.64 25.42 -1.27
CA ASP B 2 -6.12 24.77 -2.53
C ASP B 2 -5.47 25.46 -3.72
N ASP B 3 -4.57 24.75 -4.40
CA ASP B 3 -3.88 25.26 -5.58
C ASP B 3 -2.78 24.34 -6.10
N LEU B 4 -1.79 23.98 -5.27
CA LEU B 4 -0.78 23.03 -5.75
C LEU B 4 -1.50 21.68 -5.80
N THR B 5 -1.61 21.13 -7.00
CA THR B 5 -2.30 19.87 -7.20
C THR B 5 -1.55 19.04 -8.24
N ILE B 6 -1.95 17.78 -8.37
CA ILE B 6 -1.32 16.93 -9.36
C ILE B 6 -1.61 17.54 -10.73
N SER B 7 -2.81 18.10 -10.88
CA SER B 7 -3.23 18.72 -12.11
C SER B 7 -2.32 19.91 -12.46
N SER B 8 -2.04 20.76 -11.49
CA SER B 8 -1.18 21.91 -11.75
C SER B 8 0.25 21.49 -12.08
N LEU B 9 0.75 20.45 -11.42
CA LEU B 9 2.10 19.97 -11.70
C LEU B 9 2.22 19.49 -13.14
N ALA B 10 1.15 18.85 -13.63
CA ALA B 10 1.13 18.35 -14.99
C ALA B 10 1.24 19.47 -16.02
N LYS B 11 0.74 20.65 -15.65
CA LYS B 11 0.74 21.78 -16.58
C LYS B 11 1.87 22.79 -16.37
N GLY B 12 2.40 22.85 -15.15
CA GLY B 12 3.48 23.78 -14.85
C GLY B 12 4.65 23.73 -15.82
N GLU B 13 5.13 24.90 -16.23
CA GLU B 13 6.24 24.92 -17.18
C GLU B 13 7.53 24.29 -16.64
N THR B 14 7.75 24.36 -15.34
CA THR B 14 8.98 23.78 -14.76
C THR B 14 8.82 22.35 -14.23
N THR B 15 7.60 21.83 -14.26
CA THR B 15 7.36 20.50 -13.74
C THR B 15 6.71 19.57 -14.76
N LYS B 16 6.21 20.13 -15.86
CA LYS B 16 5.55 19.27 -16.85
C LYS B 16 6.45 18.18 -17.41
N ALA B 17 7.72 18.47 -17.68
CA ALA B 17 8.58 17.42 -18.20
C ALA B 17 8.70 16.29 -17.16
N ALA B 18 8.80 16.64 -15.89
CA ALA B 18 8.92 15.64 -14.84
C ALA B 18 7.64 14.80 -14.75
N PHE B 19 6.49 15.44 -14.91
CA PHE B 19 5.22 14.74 -14.85
C PHE B 19 5.13 13.78 -16.03
N ASN B 20 5.54 14.25 -17.20
CA ASN B 20 5.48 13.40 -18.38
C ASN B 20 6.37 12.18 -18.19
N GLN B 21 7.51 12.37 -17.54
CA GLN B 21 8.39 11.24 -17.27
C GLN B 21 7.71 10.26 -16.32
N MET B 22 6.99 10.79 -15.34
CA MET B 22 6.29 9.93 -14.38
C MET B 22 5.22 9.07 -15.04
N VAL B 23 4.45 9.64 -15.96
CA VAL B 23 3.36 8.88 -16.56
C VAL B 23 3.68 8.19 -17.88
N GLN B 24 4.92 8.31 -18.33
CA GLN B 24 5.27 7.67 -19.60
C GLN B 24 5.00 6.16 -19.56
N GLY B 25 4.27 5.68 -20.57
CA GLY B 25 3.95 4.28 -20.68
C GLY B 25 2.67 3.85 -19.99
N HIS B 26 2.05 4.78 -19.27
CA HIS B 26 0.82 4.50 -18.56
C HIS B 26 -0.41 5.06 -19.27
N LYS B 27 -1.58 4.61 -18.85
CA LYS B 27 -2.84 5.07 -19.43
C LYS B 27 -3.77 5.64 -18.36
N LEU B 28 -3.31 6.68 -17.67
CA LEU B 28 -4.14 7.28 -16.62
C LEU B 28 -5.40 7.87 -17.22
N PRO B 29 -6.50 7.87 -16.46
CA PRO B 29 -7.75 8.42 -16.97
C PRO B 29 -7.54 9.91 -17.20
N ALA B 30 -8.28 10.46 -18.17
CA ALA B 30 -8.17 11.88 -18.45
C ALA B 30 -8.51 12.74 -17.23
N TRP B 31 -9.32 12.21 -16.31
CA TRP B 31 -9.67 13.05 -15.15
C TRP B 31 -8.45 13.48 -14.32
N VAL B 32 -7.35 12.73 -14.37
CA VAL B 32 -6.18 13.09 -13.58
C VAL B 32 -5.60 14.43 -14.03
N MET B 33 -5.38 14.59 -15.32
CA MET B 33 -4.83 15.85 -15.77
C MET B 33 -5.86 16.98 -15.73
N LYS B 34 -7.14 16.67 -15.92
CA LYS B 34 -8.18 17.70 -15.85
C LYS B 34 -8.33 18.20 -14.41
N GLY B 35 -7.97 17.37 -13.43
CA GLY B 35 -8.10 17.74 -12.03
C GLY B 35 -9.29 17.09 -11.33
N GLY B 36 -9.02 16.04 -10.57
CA GLY B 36 -10.07 15.36 -9.83
C GLY B 36 -10.34 16.00 -8.48
N THR B 37 -11.04 15.26 -7.64
CA THR B 37 -11.39 15.72 -6.30
C THR B 37 -10.13 15.59 -5.48
N TYR B 38 -9.67 16.70 -4.92
CA TYR B 38 -8.38 16.73 -4.21
C TYR B 38 -8.38 17.35 -2.84
N THR B 39 -7.25 17.23 -2.14
CA THR B 39 -7.04 17.86 -0.83
C THR B 39 -5.69 18.55 -0.90
N PRO B 40 -5.39 19.44 0.06
CA PRO B 40 -4.10 20.11 0.01
C PRO B 40 -2.88 19.21 0.12
N ALA B 41 -1.83 19.64 -0.56
CA ALA B 41 -0.55 18.92 -0.52
C ALA B 41 -0.02 18.95 0.90
N GLN B 42 0.73 17.91 1.25
CA GLN B 42 1.32 17.77 2.57
C GLN B 42 2.80 17.55 2.40
N THR B 43 3.60 17.95 3.39
CA THR B 43 5.04 17.77 3.29
C THR B 43 5.54 16.55 4.08
N VAL B 44 6.44 15.77 3.48
CA VAL B 44 7.01 14.61 4.16
C VAL B 44 8.51 14.62 3.92
N THR B 45 9.27 14.10 4.88
CA THR B 45 10.72 14.04 4.76
C THR B 45 11.22 12.61 4.73
N LEU B 46 12.03 12.30 3.71
CA LEU B 46 12.62 10.97 3.59
C LEU B 46 14.11 11.20 3.59
N GLY B 47 14.79 10.75 4.64
CA GLY B 47 16.22 10.97 4.74
C GLY B 47 16.29 12.44 5.11
N ASP B 48 17.03 13.21 4.33
CA ASP B 48 17.12 14.64 4.57
C ASP B 48 16.62 15.35 3.31
N GLU B 49 15.57 14.81 2.70
CA GLU B 49 15.00 15.40 1.50
C GLU B 49 13.48 15.60 1.65
N THR B 50 12.99 16.73 1.20
CA THR B 50 11.58 17.06 1.31
C THR B 50 10.71 16.84 0.07
N TYR B 51 9.52 16.26 0.31
CA TYR B 51 8.57 16.02 -0.75
C TYR B 51 7.19 16.59 -0.43
N GLN B 52 6.52 17.04 -1.49
CA GLN B 52 5.14 17.51 -1.41
C GLN B 52 4.36 16.27 -1.81
N VAL B 53 3.41 15.86 -1.00
CA VAL B 53 2.62 14.66 -1.31
C VAL B 53 1.18 15.08 -1.52
N MET B 54 0.59 14.66 -2.63
CA MET B 54 -0.77 15.08 -2.94
C MET B 54 -1.54 13.91 -3.47
N SER B 55 -2.86 14.03 -3.46
CA SER B 55 -3.67 12.97 -4.01
C SER B 55 -4.92 13.55 -4.63
N ALA B 56 -5.63 12.71 -5.38
CA ALA B 56 -6.89 13.12 -5.99
C ALA B 56 -7.68 11.87 -6.36
N CYS B 57 -9.00 11.98 -6.41
CA CYS B 57 -9.83 10.82 -6.80
C CYS B 57 -10.77 11.22 -7.92
N LYS B 58 -11.31 10.19 -8.56
CA LYS B 58 -12.26 10.35 -9.67
C LYS B 58 -13.52 11.04 -9.16
N PRO B 59 -13.90 12.17 -9.77
CA PRO B 59 -15.10 12.87 -9.33
C PRO B 59 -16.34 11.97 -9.28
N HIS B 60 -17.02 12.04 -8.14
CA HIS B 60 -18.23 11.28 -7.86
C HIS B 60 -18.07 9.76 -7.86
N ASP B 61 -16.82 9.30 -7.86
CA ASP B 61 -16.57 7.85 -7.76
C ASP B 61 -15.24 7.75 -7.02
N CYS B 62 -15.13 8.57 -5.98
CA CYS B 62 -13.91 8.71 -5.23
C CYS B 62 -13.30 7.48 -4.63
N GLY B 63 -14.13 6.64 -4.06
CA GLY B 63 -13.65 5.42 -3.45
C GLY B 63 -13.22 4.37 -4.44
N SER B 64 -13.48 4.57 -5.74
CA SER B 64 -13.15 3.60 -6.78
C SER B 64 -11.85 3.79 -7.53
N GLN B 65 -11.45 5.04 -7.71
CA GLN B 65 -10.23 5.32 -8.49
C GLN B 65 -9.58 6.53 -7.88
N ARG B 66 -8.27 6.44 -7.66
CA ARG B 66 -7.55 7.54 -7.05
C ARG B 66 -6.07 7.51 -7.38
N ILE B 67 -5.37 8.63 -7.15
CA ILE B 67 -3.95 8.71 -7.45
C ILE B 67 -3.23 9.52 -6.37
N ALA B 68 -1.98 9.17 -6.09
CA ALA B 68 -1.14 9.91 -5.16
C ALA B 68 0.15 10.20 -5.90
N VAL B 69 0.71 11.38 -5.66
CA VAL B 69 1.97 11.78 -6.28
C VAL B 69 2.89 12.42 -5.24
N MET B 70 4.19 12.13 -5.31
CA MET B 70 5.10 12.78 -4.39
C MET B 70 6.09 13.55 -5.26
N TRP B 71 6.35 14.80 -4.90
CA TRP B 71 7.22 15.64 -5.70
C TRP B 71 8.27 16.38 -4.90
N SER B 72 9.51 16.33 -5.38
CA SER B 72 10.62 17.03 -4.75
C SER B 72 11.02 18.12 -5.74
N GLU B 73 10.69 19.36 -5.39
CA GLU B 73 10.96 20.53 -6.23
C GLU B 73 12.43 20.71 -6.59
N LYS B 74 13.29 20.62 -5.59
CA LYS B 74 14.72 20.80 -5.83
C LYS B 74 15.38 19.60 -6.48
N SER B 75 14.71 18.45 -6.44
CA SER B 75 15.25 17.24 -7.04
C SER B 75 14.65 16.97 -8.42
N ASN B 76 13.67 17.78 -8.81
CA ASN B 76 13.03 17.64 -10.10
C ASN B 76 12.45 16.24 -10.30
N GLN B 77 12.09 15.56 -9.22
CA GLN B 77 11.55 14.20 -9.34
C GLN B 77 10.11 14.04 -8.88
N MET B 78 9.35 13.28 -9.66
CA MET B 78 7.94 13.06 -9.39
C MET B 78 7.61 11.57 -9.55
N THR B 79 7.12 10.95 -8.48
CA THR B 79 6.79 9.54 -8.50
C THR B 79 5.35 9.42 -8.04
N GLY B 80 4.64 8.41 -8.52
CA GLY B 80 3.24 8.29 -8.13
C GLY B 80 2.69 6.88 -8.02
N LEU B 81 1.43 6.81 -7.66
CA LEU B 81 0.71 5.56 -7.46
C LEU B 81 -0.74 5.74 -7.88
N PHE B 82 -1.18 4.89 -8.80
CA PHE B 82 -2.58 4.92 -9.24
C PHE B 82 -3.26 3.68 -8.68
N SER B 83 -4.51 3.84 -8.24
CA SER B 83 -5.25 2.74 -7.63
C SER B 83 -6.66 2.64 -8.14
N THR B 84 -7.07 1.45 -8.57
CA THR B 84 -8.46 1.25 -9.02
C THR B 84 -9.01 0.08 -8.23
N ILE B 85 -10.18 0.25 -7.64
CA ILE B 85 -10.80 -0.81 -6.86
C ILE B 85 -11.99 -1.36 -7.63
N ASP B 86 -11.95 -2.65 -7.93
CA ASP B 86 -13.01 -3.31 -8.70
C ASP B 86 -14.32 -3.40 -7.93
N GLU B 87 -15.40 -3.01 -8.59
CA GLU B 87 -16.74 -2.99 -8.01
C GLU B 87 -17.46 -4.34 -8.06
N LYS B 88 -16.70 -5.43 -8.06
CA LYS B 88 -17.30 -6.75 -8.09
C LYS B 88 -16.47 -7.72 -7.27
N THR B 89 -15.16 -7.53 -7.24
CA THR B 89 -14.28 -8.41 -6.48
C THR B 89 -13.70 -7.70 -5.27
N SER B 90 -13.69 -6.38 -5.31
CA SER B 90 -13.13 -5.55 -4.25
C SER B 90 -11.60 -5.60 -4.30
N GLN B 91 -11.03 -6.18 -5.36
CA GLN B 91 -9.57 -6.23 -5.46
C GLN B 91 -9.05 -4.82 -5.78
N GLU B 92 -7.90 -4.46 -5.22
CA GLU B 92 -7.32 -3.13 -5.47
C GLU B 92 -6.13 -3.30 -6.38
N LYS B 93 -6.19 -2.70 -7.55
CA LYS B 93 -5.10 -2.82 -8.51
C LYS B 93 -4.27 -1.56 -8.49
N LEU B 94 -2.99 -1.74 -8.20
CA LEU B 94 -2.06 -0.61 -8.12
C LEU B 94 -1.16 -0.53 -9.31
N THR B 95 -0.88 0.69 -9.76
CA THR B 95 0.08 0.91 -10.85
C THR B 95 1.09 1.90 -10.28
N TRP B 96 2.36 1.51 -10.24
CA TRP B 96 3.40 2.38 -9.76
C TRP B 96 3.94 3.25 -10.90
N LEU B 97 4.02 4.55 -10.65
CA LEU B 97 4.46 5.50 -11.68
C LEU B 97 5.84 6.03 -11.43
N ASN B 98 6.76 5.57 -12.28
CA ASN B 98 8.17 5.95 -12.26
C ASN B 98 8.75 6.02 -10.88
N VAL B 99 8.62 4.92 -10.15
CA VAL B 99 9.18 4.90 -8.82
C VAL B 99 10.65 4.63 -9.04
N ASN B 100 11.51 5.58 -8.69
CA ASN B 100 12.95 5.39 -8.83
C ASN B 100 13.38 4.55 -7.63
N ASP B 101 14.56 3.94 -7.70
CA ASP B 101 15.01 3.10 -6.61
C ASP B 101 15.03 3.78 -5.24
N ALA B 102 15.37 5.07 -5.22
CA ALA B 102 15.43 5.82 -3.97
C ALA B 102 14.08 5.82 -3.24
N LEU B 103 13.00 5.74 -4.00
CA LEU B 103 11.65 5.75 -3.43
C LEU B 103 10.99 4.39 -3.48
N SER B 104 11.76 3.37 -3.86
CA SER B 104 11.21 2.02 -3.98
C SER B 104 10.69 1.39 -2.69
N ILE B 105 11.09 1.90 -1.52
CA ILE B 105 10.56 1.31 -0.28
C ILE B 105 9.73 2.30 0.54
N ASP B 106 10.38 3.27 1.18
CA ASP B 106 9.61 4.23 1.98
C ASP B 106 8.70 5.12 1.14
N GLY B 107 9.09 5.42 -0.10
CA GLY B 107 8.25 6.24 -0.95
C GLY B 107 6.95 5.49 -1.28
N LYS B 108 7.07 4.19 -1.55
CA LYS B 108 5.86 3.40 -1.83
C LYS B 108 4.93 3.44 -0.61
N THR B 109 5.50 3.34 0.59
CA THR B 109 4.72 3.38 1.82
C THR B 109 3.99 4.70 1.98
N VAL B 110 4.72 5.79 1.74
CA VAL B 110 4.12 7.14 1.83
C VAL B 110 2.99 7.33 0.81
N LEU B 111 3.21 6.93 -0.43
CA LEU B 111 2.17 7.07 -1.43
C LEU B 111 0.92 6.26 -1.06
N PHE B 112 1.12 5.05 -0.55
CA PHE B 112 -0.06 4.27 -0.18
C PHE B 112 -0.77 4.93 1.02
N ALA B 113 0.01 5.48 1.96
CA ALA B 113 -0.58 6.14 3.12
C ALA B 113 -1.39 7.37 2.70
N ALA B 114 -0.99 8.00 1.59
CA ALA B 114 -1.71 9.17 1.07
C ALA B 114 -3.11 8.72 0.62
N LEU B 115 -3.20 7.48 0.13
CA LEU B 115 -4.49 6.96 -0.30
C LEU B 115 -5.34 6.37 0.82
N THR B 116 -4.74 5.74 1.83
CA THR B 116 -5.55 5.13 2.87
C THR B 116 -6.14 6.16 3.80
N GLY B 117 -5.43 7.28 3.94
CA GLY B 117 -5.87 8.33 4.86
C GLY B 117 -4.91 8.47 6.03
N SER B 118 -3.98 7.53 6.20
CA SER B 118 -3.05 7.61 7.33
C SER B 118 -2.16 8.82 7.27
N LEU B 119 -1.74 9.22 6.09
CA LEU B 119 -0.89 10.40 5.97
C LEU B 119 -1.65 11.67 6.37
N GLU B 120 -2.89 11.80 5.94
CA GLU B 120 -3.67 13.00 6.28
C GLU B 120 -3.92 13.09 7.78
N ASN B 121 -4.16 11.94 8.40
CA ASN B 121 -4.45 11.90 9.83
C ASN B 121 -3.20 11.94 10.72
N HIS B 122 -2.05 11.54 10.18
CA HIS B 122 -0.79 11.53 10.94
C HIS B 122 0.23 12.24 10.06
N PRO B 123 0.08 13.57 9.88
CA PRO B 123 0.96 14.39 9.05
C PRO B 123 2.45 14.33 9.30
N ASP B 124 2.83 14.06 10.53
CA ASP B 124 4.25 13.99 10.86
C ASP B 124 4.63 12.55 11.21
N GLY B 125 3.85 11.58 10.73
CA GLY B 125 4.11 10.18 11.03
C GLY B 125 4.84 9.40 9.96
N PHE B 126 5.23 10.07 8.89
CA PHE B 126 5.90 9.39 7.78
C PHE B 126 7.21 10.01 7.36
N ASN B 127 7.92 10.58 8.34
CA ASN B 127 9.20 11.21 8.05
C ASN B 127 10.29 10.23 8.46
N PHE B 128 10.55 9.26 7.60
CA PHE B 128 11.53 8.21 7.85
C PHE B 128 12.99 8.65 7.79
N ARG B 129 13.79 8.08 8.69
CA ARG B 129 15.22 8.35 8.79
C ARG B 129 15.98 7.77 7.60
N LYS C 1 -9.26 15.91 7.47
CA LYS C 1 -9.36 14.62 8.18
C LYS C 1 -10.01 13.52 7.34
N VAL C 2 -9.54 12.28 7.50
CA VAL C 2 -10.17 11.18 6.80
C VAL C 2 -10.88 10.37 7.87
N PHE C 3 -12.21 10.36 7.79
CA PHE C 3 -13.01 9.61 8.75
C PHE C 3 -12.95 8.13 8.47
N GLY C 4 -13.11 7.36 9.54
CA GLY C 4 -13.26 5.94 9.42
C GLY C 4 -14.73 5.75 9.03
N ARG C 5 -15.07 4.64 8.38
CA ARG C 5 -16.45 4.38 7.98
C ARG C 5 -17.42 4.38 9.15
N CYS C 6 -17.14 3.60 10.19
CA CYS C 6 -18.03 3.55 11.35
C CYS C 6 -18.02 4.84 12.13
N GLU C 7 -16.86 5.50 12.19
CA GLU C 7 -16.74 6.79 12.87
C GLU C 7 -17.70 7.78 12.20
N LEU C 8 -17.71 7.79 10.86
CA LEU C 8 -18.61 8.70 10.12
C LEU C 8 -20.08 8.29 10.30
N ALA C 9 -20.36 6.99 10.23
CA ALA C 9 -21.74 6.52 10.43
C ALA C 9 -22.26 6.99 11.78
N ALA C 10 -21.44 6.88 12.83
CA ALA C 10 -21.87 7.31 14.17
C ALA C 10 -22.11 8.81 14.23
N ALA C 11 -21.24 9.59 13.60
CA ALA C 11 -21.39 11.05 13.57
C ALA C 11 -22.67 11.43 12.83
N MET C 12 -22.93 10.76 11.70
CA MET C 12 -24.12 11.07 10.92
C MET C 12 -25.37 10.72 11.70
N LYS C 13 -25.31 9.64 12.48
CA LYS C 13 -26.45 9.21 13.28
C LYS C 13 -26.69 10.23 14.38
N ARG C 14 -25.62 10.69 15.01
CA ARG C 14 -25.76 11.70 16.06
C ARG C 14 -26.38 13.00 15.51
N HIS C 15 -26.11 13.33 14.25
CA HIS C 15 -26.64 14.54 13.65
C HIS C 15 -28.01 14.37 13.01
N GLY C 16 -28.62 13.22 13.24
CA GLY C 16 -29.97 12.96 12.75
C GLY C 16 -30.24 12.59 11.30
N LEU C 17 -29.24 12.01 10.62
CA LEU C 17 -29.43 11.62 9.23
C LEU C 17 -30.06 10.25 9.04
N ASP C 18 -30.05 9.40 10.06
CA ASP C 18 -30.61 8.07 9.89
C ASP C 18 -32.12 8.14 9.65
N ASN C 19 -32.49 7.82 8.42
CA ASN C 19 -33.85 7.80 7.91
C ASN C 19 -34.42 9.20 7.71
N TYR C 20 -33.54 10.19 7.62
CA TYR C 20 -33.99 11.56 7.37
C TYR C 20 -34.64 11.57 5.97
N ARG C 21 -35.90 12.03 5.93
CA ARG C 21 -36.68 12.09 4.68
C ARG C 21 -36.73 10.70 4.04
N GLY C 22 -36.68 9.67 4.88
CA GLY C 22 -36.76 8.31 4.40
C GLY C 22 -35.47 7.64 3.92
N TYR C 23 -34.33 8.32 4.09
CA TYR C 23 -33.07 7.72 3.65
C TYR C 23 -32.30 7.12 4.82
N SER C 24 -32.23 5.80 4.86
CA SER C 24 -31.53 5.13 5.95
C SER C 24 -30.05 5.55 5.95
N LEU C 25 -29.45 5.46 7.13
CA LEU C 25 -28.06 5.86 7.37
C LEU C 25 -27.03 5.43 6.34
N GLY C 26 -27.13 4.18 5.87
CA GLY C 26 -26.17 3.70 4.88
C GLY C 26 -26.14 4.50 3.59
N ASN C 27 -27.25 5.12 3.23
CA ASN C 27 -27.27 5.92 2.01
C ASN C 27 -26.31 7.11 2.14
N TRP C 28 -26.28 7.69 3.33
CA TRP C 28 -25.44 8.86 3.59
C TRP C 28 -23.96 8.49 3.66
N VAL C 29 -23.66 7.38 4.31
CA VAL C 29 -22.28 6.93 4.41
C VAL C 29 -21.80 6.56 2.99
N CYS C 30 -22.62 5.85 2.23
CA CYS C 30 -22.24 5.47 0.88
C CYS C 30 -22.03 6.71 0.00
N ALA C 31 -22.92 7.70 0.12
CA ALA C 31 -22.77 8.93 -0.66
C ALA C 31 -21.42 9.57 -0.36
N ALA C 32 -21.07 9.65 0.93
CA ALA C 32 -19.78 10.24 1.30
C ALA C 32 -18.60 9.41 0.77
N LYS C 33 -18.74 8.10 0.78
CA LYS C 33 -17.66 7.26 0.28
C LYS C 33 -17.30 7.60 -1.16
N PHE C 34 -18.33 7.74 -1.99
CA PHE C 34 -18.07 8.00 -3.40
C PHE C 34 -17.97 9.46 -3.80
N GLU C 35 -18.36 10.37 -2.92
CA GLU C 35 -18.17 11.79 -3.24
C GLU C 35 -16.77 12.24 -2.78
N SER C 36 -16.33 11.77 -1.62
CA SER C 36 -15.06 12.24 -1.03
C SER C 36 -14.16 11.18 -0.38
N ASN C 37 -14.60 9.94 -0.38
CA ASN C 37 -13.91 8.84 0.34
C ASN C 37 -13.68 9.26 1.79
N PHE C 38 -14.68 9.90 2.37
CA PHE C 38 -14.70 10.32 3.78
C PHE C 38 -13.68 11.37 4.17
N ASN C 39 -13.19 12.13 3.19
CA ASN C 39 -12.21 13.17 3.46
C ASN C 39 -12.90 14.54 3.61
N THR C 40 -12.81 15.12 4.81
CA THR C 40 -13.46 16.41 5.08
C THR C 40 -12.96 17.59 4.27
N GLN C 41 -11.75 17.51 3.73
CA GLN C 41 -11.21 18.63 2.98
C GLN C 41 -11.33 18.53 1.48
N ALA C 42 -12.00 17.49 1.00
CA ALA C 42 -12.15 17.30 -0.45
C ALA C 42 -12.74 18.52 -1.20
N THR C 43 -12.14 18.84 -2.35
CA THR C 43 -12.60 19.95 -3.18
C THR C 43 -12.48 19.53 -4.64
N ASN C 44 -13.48 19.88 -5.44
CA ASN C 44 -13.46 19.53 -6.86
C ASN C 44 -13.90 20.75 -7.65
N ARG C 45 -12.99 21.29 -8.46
CA ARG C 45 -13.32 22.44 -9.30
C ARG C 45 -14.06 21.96 -10.54
N ASN C 46 -15.17 22.62 -10.90
CA ASN C 46 -15.96 22.22 -12.06
C ASN C 46 -15.75 23.18 -13.23
N THR C 47 -16.02 22.73 -14.46
CA THR C 47 -15.80 23.59 -15.63
C THR C 47 -16.72 24.82 -15.69
N ASP C 48 -17.83 24.82 -14.96
CA ASP C 48 -18.75 25.95 -14.96
C ASP C 48 -18.37 27.03 -13.95
N GLY C 49 -17.17 26.95 -13.39
CA GLY C 49 -16.75 27.93 -12.41
C GLY C 49 -17.11 27.64 -10.96
N SER C 50 -17.95 26.63 -10.71
CA SER C 50 -18.31 26.30 -9.34
C SER C 50 -17.33 25.27 -8.80
N THR C 51 -17.44 25.00 -7.51
CA THR C 51 -16.59 24.00 -6.87
C THR C 51 -17.45 23.18 -5.92
N ASP C 52 -17.10 21.90 -5.76
CA ASP C 52 -17.80 21.02 -4.83
C ASP C 52 -16.95 20.96 -3.56
N TYR C 53 -17.59 21.05 -2.39
CA TYR C 53 -16.87 21.11 -1.14
C TYR C 53 -17.21 20.11 -0.08
N GLY C 54 -16.15 19.58 0.55
CA GLY C 54 -16.29 18.71 1.70
C GLY C 54 -16.65 17.27 1.53
N ILE C 55 -16.99 16.65 2.65
CA ILE C 55 -17.28 15.23 2.69
C ILE C 55 -18.46 14.78 1.82
N LEU C 56 -19.40 15.69 1.56
CA LEU C 56 -20.55 15.39 0.71
C LEU C 56 -20.52 16.17 -0.61
N GLN C 57 -19.37 16.80 -0.91
CA GLN C 57 -19.17 17.55 -2.16
C GLN C 57 -20.36 18.43 -2.57
N ILE C 58 -20.70 19.37 -1.68
CA ILE C 58 -21.80 20.29 -1.88
C ILE C 58 -21.34 21.43 -2.79
N ASN C 59 -22.17 21.74 -3.79
CA ASN C 59 -21.81 22.70 -4.83
C ASN C 59 -22.02 24.19 -4.55
N SER C 60 -21.06 24.99 -4.99
CA SER C 60 -21.07 26.44 -4.73
C SER C 60 -22.01 27.27 -5.59
N ARG C 61 -22.63 26.68 -6.60
CA ARG C 61 -23.53 27.48 -7.42
C ARG C 61 -24.81 27.78 -6.66
N TRP C 62 -25.42 26.74 -6.08
CA TRP C 62 -26.67 26.94 -5.35
C TRP C 62 -26.58 26.94 -3.82
N TRP C 63 -25.63 26.21 -3.26
CA TRP C 63 -25.64 26.02 -1.81
C TRP C 63 -24.76 26.77 -0.82
N CYS C 64 -23.53 27.08 -1.22
CA CYS C 64 -22.65 27.80 -0.30
C CYS C 64 -21.96 28.88 -1.09
N ASN C 65 -21.41 29.83 -0.36
CA ASN C 65 -20.72 30.94 -0.99
C ASN C 65 -19.20 30.84 -0.95
N ASP C 66 -18.54 30.79 -2.12
CA ASP C 66 -17.07 30.76 -2.15
C ASP C 66 -16.52 32.02 -2.83
N GLY C 67 -17.42 32.98 -3.08
CA GLY C 67 -17.03 34.25 -3.67
C GLY C 67 -16.45 34.27 -5.06
N ARG C 68 -16.42 33.12 -5.73
CA ARG C 68 -15.85 33.08 -7.06
C ARG C 68 -16.69 32.29 -8.05
N THR C 69 -17.93 31.99 -7.68
CA THR C 69 -18.84 31.20 -8.51
C THR C 69 -19.97 32.01 -9.13
N PRO C 70 -20.13 31.97 -10.46
CA PRO C 70 -21.21 32.71 -11.12
C PRO C 70 -22.59 32.14 -10.77
N GLY C 71 -23.60 33.00 -10.65
CA GLY C 71 -24.96 32.54 -10.36
C GLY C 71 -25.22 32.01 -8.97
N SER C 72 -24.36 32.37 -8.03
CA SER C 72 -24.46 31.94 -6.64
C SER C 72 -25.78 32.29 -5.93
N ARG C 73 -26.36 31.32 -5.22
CA ARG C 73 -27.62 31.58 -4.50
C ARG C 73 -27.41 31.43 -3.00
N ASN C 74 -26.33 30.74 -2.63
CA ASN C 74 -25.99 30.47 -1.23
C ASN C 74 -27.24 30.12 -0.41
N LEU C 75 -27.95 29.06 -0.82
CA LEU C 75 -29.17 28.65 -0.11
C LEU C 75 -28.96 28.04 1.27
N CYS C 76 -27.73 27.64 1.58
CA CYS C 76 -27.42 27.12 2.90
C CYS C 76 -26.89 28.28 3.75
N ASN C 77 -26.71 29.42 3.11
CA ASN C 77 -26.24 30.63 3.76
C ASN C 77 -25.04 30.37 4.66
N ILE C 78 -23.98 29.91 4.02
CA ILE C 78 -22.73 29.63 4.70
C ILE C 78 -21.59 29.76 3.74
N PRO C 79 -20.40 30.07 4.25
CA PRO C 79 -19.28 30.18 3.33
C PRO C 79 -18.90 28.73 3.02
N CYS C 80 -18.45 28.47 1.80
CA CYS C 80 -18.09 27.10 1.48
C CYS C 80 -17.01 26.53 2.42
N SER C 81 -16.19 27.39 3.02
CA SER C 81 -15.17 26.90 3.95
C SER C 81 -15.78 26.16 5.14
N ALA C 82 -17.02 26.50 5.49
CA ALA C 82 -17.71 25.84 6.60
C ALA C 82 -17.94 24.36 6.28
N LEU C 83 -18.06 24.06 4.98
CA LEU C 83 -18.28 22.67 4.58
C LEU C 83 -17.01 21.86 4.58
N LEU C 84 -15.89 22.50 4.90
CA LEU C 84 -14.59 21.82 4.93
C LEU C 84 -14.16 21.59 6.38
N SER C 85 -15.07 21.81 7.32
CA SER C 85 -14.76 21.63 8.75
C SER C 85 -14.42 20.17 9.07
N SER C 86 -13.67 19.95 10.15
CA SER C 86 -13.29 18.58 10.54
C SER C 86 -14.44 17.80 11.17
N ASP C 87 -15.40 18.52 11.75
CA ASP C 87 -16.62 17.91 12.29
C ASP C 87 -17.59 18.08 11.12
N ILE C 88 -18.62 17.24 11.06
CA ILE C 88 -19.53 17.29 9.91
C ILE C 88 -20.80 18.12 10.10
N THR C 89 -20.90 18.88 11.19
CA THR C 89 -22.11 19.63 11.45
C THR C 89 -22.63 20.50 10.30
N ALA C 90 -21.78 21.36 9.74
CA ALA C 90 -22.23 22.24 8.67
C ALA C 90 -22.68 21.47 7.43
N SER C 91 -21.91 20.44 7.08
CA SER C 91 -22.25 19.63 5.93
C SER C 91 -23.57 18.91 6.12
N VAL C 92 -23.84 18.43 7.33
CA VAL C 92 -25.10 17.73 7.58
C VAL C 92 -26.27 18.73 7.52
N ASN C 93 -26.09 19.89 8.14
CA ASN C 93 -27.16 20.89 8.13
C ASN C 93 -27.51 21.34 6.72
N CYS C 94 -26.49 21.48 5.87
CA CYS C 94 -26.75 21.88 4.50
C CYS C 94 -27.34 20.69 3.72
N ALA C 95 -26.86 19.48 3.96
CA ALA C 95 -27.38 18.31 3.23
C ALA C 95 -28.87 18.11 3.51
N LYS C 96 -29.29 18.41 4.74
CA LYS C 96 -30.72 18.27 5.08
C LYS C 96 -31.56 19.23 4.26
N LYS C 97 -31.04 20.43 3.98
CA LYS C 97 -31.76 21.39 3.13
C LYS C 97 -31.81 20.88 1.68
N ILE C 98 -30.68 20.38 1.18
CA ILE C 98 -30.63 19.88 -0.18
C ILE C 98 -31.56 18.68 -0.46
N VAL C 99 -31.55 17.68 0.41
CA VAL C 99 -32.35 16.47 0.20
C VAL C 99 -33.86 16.65 0.34
N SER C 100 -34.27 17.81 0.85
CA SER C 100 -35.68 18.14 1.02
C SER C 100 -36.10 19.02 -0.15
N ASP C 101 -35.22 19.16 -1.13
CA ASP C 101 -35.46 20.02 -2.30
C ASP C 101 -36.48 19.50 -3.31
N GLY C 102 -36.74 18.19 -3.27
CA GLY C 102 -37.70 17.63 -4.21
C GLY C 102 -37.31 16.28 -4.77
N ASN C 103 -36.11 16.18 -5.33
CA ASN C 103 -35.66 14.93 -5.92
C ASN C 103 -34.80 14.10 -4.95
N GLY C 104 -34.88 14.44 -3.66
CA GLY C 104 -34.14 13.70 -2.66
C GLY C 104 -32.64 13.58 -2.88
N MET C 105 -32.10 12.40 -2.61
CA MET C 105 -30.66 12.18 -2.75
C MET C 105 -30.16 12.11 -4.17
N ASN C 106 -31.05 12.22 -5.15
CA ASN C 106 -30.60 12.20 -6.52
C ASN C 106 -29.75 13.45 -6.78
N ALA C 107 -29.74 14.37 -5.81
CA ALA C 107 -28.93 15.58 -5.88
C ALA C 107 -27.44 15.21 -5.89
N TRP C 108 -27.13 14.00 -5.40
CA TRP C 108 -25.74 13.55 -5.36
C TRP C 108 -25.48 12.53 -6.44
N VAL C 109 -24.62 12.91 -7.38
CA VAL C 109 -24.24 12.05 -8.50
C VAL C 109 -23.67 10.74 -7.97
N ALA C 110 -22.79 10.82 -6.98
CA ALA C 110 -22.19 9.60 -6.43
C ALA C 110 -23.23 8.68 -5.83
N TRP C 111 -24.24 9.23 -5.17
CA TRP C 111 -25.27 8.38 -4.58
C TRP C 111 -26.04 7.68 -5.72
N ARG C 112 -26.40 8.43 -6.74
CA ARG C 112 -27.13 7.80 -7.85
C ARG C 112 -26.37 6.66 -8.49
N ASN C 113 -25.09 6.89 -8.78
CA ASN C 113 -24.26 5.89 -9.47
C ASN C 113 -23.74 4.70 -8.70
N ARG C 114 -23.48 4.89 -7.41
CA ARG C 114 -22.90 3.82 -6.61
C ARG C 114 -23.72 3.35 -5.43
N CYS C 115 -24.80 4.05 -5.09
CA CYS C 115 -25.56 3.68 -3.91
C CYS C 115 -27.02 3.33 -4.14
N LYS C 116 -27.69 4.12 -4.97
CA LYS C 116 -29.11 3.90 -5.26
C LYS C 116 -29.37 2.47 -5.70
N GLY C 117 -30.36 1.83 -5.09
CA GLY C 117 -30.72 0.46 -5.45
C GLY C 117 -29.81 -0.66 -4.95
N THR C 118 -28.84 -0.35 -4.11
CA THR C 118 -27.93 -1.36 -3.59
C THR C 118 -28.21 -1.64 -2.11
N ASP C 119 -27.51 -2.61 -1.54
CA ASP C 119 -27.67 -2.96 -0.12
C ASP C 119 -26.89 -1.91 0.65
N VAL C 120 -27.44 -0.70 0.73
CA VAL C 120 -26.74 0.37 1.42
C VAL C 120 -26.45 0.14 2.89
N GLN C 121 -27.21 -0.74 3.55
CA GLN C 121 -26.97 -1.00 4.98
C GLN C 121 -25.58 -1.59 5.17
N ALA C 122 -25.02 -2.16 4.12
CA ALA C 122 -23.68 -2.74 4.19
C ALA C 122 -22.72 -1.71 4.75
N TRP C 123 -22.97 -0.44 4.42
CA TRP C 123 -22.08 0.63 4.87
C TRP C 123 -22.09 0.94 6.34
N ILE C 124 -23.01 0.35 7.11
CA ILE C 124 -23.01 0.59 8.54
C ILE C 124 -22.89 -0.69 9.37
N ARG C 125 -22.58 -1.79 8.69
CA ARG C 125 -22.42 -3.04 9.41
C ARG C 125 -21.02 -3.19 9.97
N GLY C 126 -20.91 -3.96 11.06
CA GLY C 126 -19.63 -4.18 11.69
C GLY C 126 -19.20 -2.94 12.46
N CYS C 127 -20.17 -2.09 12.80
CA CYS C 127 -19.92 -0.85 13.51
C CYS C 127 -20.30 -0.85 14.99
N LYS D 1 16.89 -6.54 7.39
CA LYS D 1 16.90 -5.34 6.50
C LYS D 1 16.33 -5.67 5.13
N VAL D 2 15.59 -4.75 4.55
CA VAL D 2 15.10 -4.96 3.21
C VAL D 2 15.86 -3.98 2.33
N PHE D 3 16.65 -4.50 1.41
CA PHE D 3 17.41 -3.65 0.49
C PHE D 3 16.58 -3.11 -0.65
N GLY D 4 17.01 -1.98 -1.22
CA GLY D 4 16.35 -1.48 -2.41
C GLY D 4 17.12 -2.20 -3.53
N ARG D 5 16.51 -2.31 -4.70
CA ARG D 5 17.14 -2.99 -5.85
C ARG D 5 18.50 -2.44 -6.21
N CYS D 6 18.54 -1.16 -6.56
CA CYS D 6 19.81 -0.57 -6.93
C CYS D 6 20.77 -0.53 -5.72
N GLU D 7 20.24 -0.43 -4.51
CA GLU D 7 21.10 -0.46 -3.33
C GLU D 7 21.81 -1.82 -3.23
N LEU D 8 21.07 -2.90 -3.46
CA LEU D 8 21.65 -4.23 -3.40
C LEU D 8 22.66 -4.46 -4.55
N ALA D 9 22.30 -3.96 -5.73
CA ALA D 9 23.18 -4.11 -6.91
C ALA D 9 24.54 -3.51 -6.58
N ALA D 10 24.53 -2.31 -6.02
CA ALA D 10 25.77 -1.64 -5.67
C ALA D 10 26.58 -2.42 -4.65
N ALA D 11 25.90 -2.99 -3.64
CA ALA D 11 26.59 -3.78 -2.63
C ALA D 11 27.16 -5.07 -3.23
N MET D 12 26.40 -5.72 -4.11
CA MET D 12 26.90 -6.94 -4.73
C MET D 12 28.10 -6.64 -5.62
N LYS D 13 28.09 -5.49 -6.30
CA LYS D 13 29.22 -5.14 -7.15
C LYS D 13 30.45 -4.90 -6.28
N ARG D 14 30.27 -4.15 -5.19
CA ARG D 14 31.39 -3.89 -4.28
C ARG D 14 31.92 -5.20 -3.71
N HIS D 15 31.06 -6.22 -3.62
CA HIS D 15 31.48 -7.51 -3.09
C HIS D 15 32.08 -8.47 -4.13
N GLY D 16 32.28 -7.98 -5.36
CA GLY D 16 32.90 -8.81 -6.37
C GLY D 16 32.06 -9.82 -7.12
N LEU D 17 30.74 -9.65 -7.11
CA LEU D 17 29.89 -10.61 -7.82
C LEU D 17 29.69 -10.34 -9.30
N ASP D 18 29.93 -9.10 -9.74
CA ASP D 18 29.73 -8.82 -11.17
C ASP D 18 30.71 -9.66 -11.98
N ASN D 19 30.15 -10.53 -12.81
CA ASN D 19 30.90 -11.45 -13.68
C ASN D 19 31.65 -12.54 -12.95
N TYR D 20 31.32 -12.77 -11.68
CA TYR D 20 31.97 -13.84 -10.92
C TYR D 20 31.51 -15.16 -11.54
N ARG D 21 32.48 -15.97 -11.95
CA ARG D 21 32.25 -17.26 -12.61
C ARG D 21 31.44 -17.06 -13.89
N GLY D 22 31.61 -15.88 -14.48
CA GLY D 22 30.94 -15.56 -15.72
C GLY D 22 29.52 -15.06 -15.57
N TYR D 23 29.05 -14.85 -14.34
CA TYR D 23 27.67 -14.37 -14.17
C TYR D 23 27.62 -12.88 -13.92
N SER D 24 27.09 -12.13 -14.88
CA SER D 24 26.97 -10.68 -14.75
C SER D 24 26.09 -10.30 -13.56
N LEU D 25 26.32 -9.10 -13.04
CA LEU D 25 25.61 -8.59 -11.86
C LEU D 25 24.11 -8.80 -11.79
N GLY D 26 23.40 -8.61 -12.91
CA GLY D 26 21.96 -8.75 -12.94
C GLY D 26 21.49 -10.12 -12.49
N ASN D 27 22.28 -11.14 -12.76
CA ASN D 27 21.91 -12.50 -12.36
C ASN D 27 21.78 -12.62 -10.85
N TRP D 28 22.69 -11.97 -10.14
CA TRP D 28 22.72 -12.03 -8.68
C TRP D 28 21.59 -11.22 -8.06
N VAL D 29 21.33 -10.06 -8.65
CA VAL D 29 20.25 -9.21 -8.16
C VAL D 29 18.91 -9.94 -8.39
N CYS D 30 18.72 -10.49 -9.60
CA CYS D 30 17.52 -11.22 -9.92
C CYS D 30 17.33 -12.44 -8.98
N ALA D 31 18.40 -13.19 -8.72
CA ALA D 31 18.29 -14.34 -7.83
C ALA D 31 17.80 -13.90 -6.44
N ALA D 32 18.38 -12.82 -5.92
CA ALA D 32 17.94 -12.32 -4.62
C ALA D 32 16.49 -11.84 -4.66
N LYS D 33 16.08 -11.25 -5.78
CA LYS D 33 14.70 -10.77 -5.89
C LYS D 33 13.72 -11.92 -5.70
N PHE D 34 14.00 -13.04 -6.35
CA PHE D 34 13.05 -14.13 -6.28
C PHE D 34 13.30 -15.14 -5.17
N GLU D 35 14.44 -15.05 -4.50
CA GLU D 35 14.64 -15.93 -3.35
C GLU D 35 14.12 -15.27 -2.07
N SER D 36 14.32 -13.95 -1.93
CA SER D 36 13.96 -13.26 -0.68
C SER D 36 13.35 -11.86 -0.82
N ASN D 37 13.18 -11.41 -2.05
CA ASN D 37 12.75 -10.05 -2.35
C ASN D 37 13.65 -9.05 -1.60
N PHE D 38 14.93 -9.36 -1.59
CA PHE D 38 15.97 -8.49 -1.00
C PHE D 38 15.91 -8.32 0.51
N ASN D 39 15.34 -9.31 1.21
CA ASN D 39 15.20 -9.25 2.66
C ASN D 39 16.28 -10.11 3.30
N THR D 40 17.17 -9.48 4.04
CA THR D 40 18.26 -10.21 4.68
C THR D 40 17.86 -11.21 5.73
N GLN D 41 16.66 -11.08 6.30
CA GLN D 41 16.23 -12.00 7.36
C GLN D 41 15.36 -13.16 6.89
N ALA D 42 15.13 -13.26 5.58
CA ALA D 42 14.27 -14.32 5.07
C ALA D 42 14.71 -15.72 5.48
N THR D 43 13.72 -16.54 5.82
CA THR D 43 13.93 -17.90 6.27
C THR D 43 12.85 -18.79 5.68
N ASN D 44 13.21 -19.96 5.15
CA ASN D 44 12.18 -20.86 4.60
C ASN D 44 12.44 -22.28 5.13
N ARG D 45 11.50 -22.82 5.92
CA ARG D 45 11.65 -24.18 6.44
C ARG D 45 11.30 -25.19 5.35
N ASN D 46 12.09 -26.25 5.22
CA ASN D 46 11.82 -27.25 4.21
C ASN D 46 11.35 -28.54 4.86
N THR D 47 10.60 -29.35 4.10
CA THR D 47 10.07 -30.59 4.63
C THR D 47 11.14 -31.59 5.10
N ASP D 48 12.31 -31.54 4.49
CA ASP D 48 13.38 -32.45 4.89
C ASP D 48 14.11 -32.07 6.17
N GLY D 49 13.63 -31.03 6.87
CA GLY D 49 14.26 -30.64 8.11
C GLY D 49 15.32 -29.55 8.00
N SER D 50 15.67 -29.18 6.78
CA SER D 50 16.67 -28.13 6.57
C SER D 50 15.89 -26.82 6.42
N THR D 51 16.63 -25.73 6.41
CA THR D 51 16.06 -24.40 6.26
C THR D 51 16.94 -23.60 5.32
N ASP D 52 16.30 -22.74 4.52
CA ASP D 52 17.03 -21.83 3.61
C ASP D 52 17.13 -20.48 4.36
N TYR D 53 18.32 -19.90 4.32
CA TYR D 53 18.60 -18.66 5.06
C TYR D 53 19.08 -17.47 4.29
N GLY D 54 18.56 -16.32 4.65
CA GLY D 54 19.04 -15.08 4.09
C GLY D 54 18.62 -14.61 2.73
N ILE D 55 19.27 -13.53 2.31
CA ILE D 55 18.96 -12.86 1.07
C ILE D 55 19.09 -13.76 -0.17
N LEU D 56 19.96 -14.77 -0.09
CA LEU D 56 20.11 -15.70 -1.19
C LEU D 56 19.62 -17.12 -0.84
N GLN D 57 18.86 -17.23 0.25
CA GLN D 57 18.26 -18.51 0.68
C GLN D 57 19.18 -19.75 0.58
N ILE D 58 20.28 -19.65 1.30
CA ILE D 58 21.29 -20.72 1.33
C ILE D 58 20.83 -21.80 2.30
N ASN D 59 20.88 -23.06 1.85
CA ASN D 59 20.38 -24.19 2.62
C ASN D 59 21.30 -24.76 3.72
N SER D 60 20.69 -25.14 4.84
CA SER D 60 21.43 -25.66 6.01
C SER D 60 21.88 -27.11 5.94
N ARG D 61 21.45 -27.84 4.92
CA ARG D 61 21.84 -29.24 4.79
C ARG D 61 23.28 -29.33 4.30
N TRP D 62 23.64 -28.52 3.31
CA TRP D 62 24.99 -28.59 2.77
C TRP D 62 25.89 -27.39 3.08
N TRP D 63 25.32 -26.20 3.19
CA TRP D 63 26.16 -25.00 3.31
C TRP D 63 26.47 -24.31 4.60
N CYS D 64 25.49 -24.15 5.48
CA CYS D 64 25.77 -23.49 6.75
C CYS D 64 25.29 -24.40 7.86
N ASN D 65 25.77 -24.13 9.07
CA ASN D 65 25.35 -24.95 10.20
C ASN D 65 24.34 -24.20 11.07
N ASP D 66 23.13 -24.75 11.19
CA ASP D 66 22.13 -24.12 12.04
C ASP D 66 21.85 -24.92 13.32
N GLY D 67 22.67 -25.94 13.54
CA GLY D 67 22.52 -26.75 14.74
C GLY D 67 21.27 -27.60 14.87
N ARG D 68 20.45 -27.65 13.83
CA ARG D 68 19.23 -28.47 13.92
C ARG D 68 18.92 -29.20 12.62
N THR D 69 19.92 -29.32 11.74
CA THR D 69 19.72 -30.02 10.47
C THR D 69 20.58 -31.28 10.45
N PRO D 70 19.94 -32.45 10.42
CA PRO D 70 20.70 -33.70 10.39
C PRO D 70 21.55 -33.81 9.12
N GLY D 71 22.77 -34.32 9.26
CA GLY D 71 23.63 -34.49 8.09
C GLY D 71 24.30 -33.23 7.55
N SER D 72 24.20 -32.12 8.29
CA SER D 72 24.81 -30.86 7.87
C SER D 72 26.28 -31.02 7.47
N ARG D 73 26.64 -30.54 6.28
CA ARG D 73 28.03 -30.64 5.84
C ARG D 73 28.81 -29.34 6.11
N ASN D 74 28.08 -28.25 6.33
CA ASN D 74 28.68 -26.94 6.58
C ASN D 74 29.84 -26.64 5.64
N LEU D 75 29.59 -26.74 4.33
CA LEU D 75 30.63 -26.49 3.34
C LEU D 75 31.09 -25.02 3.23
N CYS D 76 30.34 -24.11 3.85
CA CYS D 76 30.75 -22.70 3.86
C CYS D 76 31.40 -22.31 5.20
N ASN D 77 31.43 -23.26 6.14
CA ASN D 77 32.00 -23.06 7.48
C ASN D 77 31.48 -21.79 8.12
N ILE D 78 30.16 -21.73 8.26
CA ILE D 78 29.56 -20.52 8.80
C ILE D 78 28.25 -20.88 9.48
N PRO D 79 27.91 -20.21 10.60
CA PRO D 79 26.64 -20.54 11.25
C PRO D 79 25.56 -19.91 10.36
N CYS D 80 24.40 -20.56 10.27
CA CYS D 80 23.38 -20.01 9.40
C CYS D 80 22.93 -18.64 9.90
N SER D 81 23.09 -18.38 11.19
CA SER D 81 22.71 -17.09 11.74
C SER D 81 23.53 -15.97 11.09
N ALA D 82 24.75 -16.27 10.66
CA ALA D 82 25.60 -15.27 10.04
C ALA D 82 25.10 -14.87 8.65
N LEU D 83 24.23 -15.69 8.07
CA LEU D 83 23.67 -15.39 6.76
C LEU D 83 22.40 -14.55 6.87
N LEU D 84 22.03 -14.15 8.09
CA LEU D 84 20.84 -13.31 8.31
C LEU D 84 21.18 -11.86 8.65
N SER D 85 22.43 -11.49 8.44
CA SER D 85 22.92 -10.15 8.76
C SER D 85 22.50 -9.05 7.78
N SER D 86 22.55 -7.80 8.23
CA SER D 86 22.20 -6.69 7.37
C SER D 86 23.29 -6.45 6.31
N ASP D 87 24.51 -6.92 6.57
CA ASP D 87 25.60 -6.81 5.58
C ASP D 87 25.50 -8.12 4.80
N ILE D 88 25.68 -8.06 3.48
CA ILE D 88 25.55 -9.28 2.68
C ILE D 88 26.82 -10.11 2.57
N THR D 89 27.89 -9.67 3.22
CA THR D 89 29.17 -10.36 3.12
C THR D 89 29.21 -11.89 3.30
N ALA D 90 28.67 -12.42 4.41
CA ALA D 90 28.70 -13.87 4.62
C ALA D 90 27.94 -14.59 3.50
N SER D 91 26.81 -14.03 3.08
CA SER D 91 26.02 -14.66 2.02
C SER D 91 26.78 -14.65 0.70
N VAL D 92 27.49 -13.57 0.42
CA VAL D 92 28.26 -13.49 -0.82
C VAL D 92 29.41 -14.50 -0.79
N ASN D 93 30.14 -14.55 0.33
CA ASN D 93 31.26 -15.48 0.43
C ASN D 93 30.77 -16.92 0.19
N CYS D 94 29.62 -17.26 0.76
CA CYS D 94 29.10 -18.61 0.60
C CYS D 94 28.59 -18.82 -0.82
N ALA D 95 27.94 -17.81 -1.38
CA ALA D 95 27.43 -17.92 -2.75
C ALA D 95 28.56 -18.20 -3.73
N LYS D 96 29.73 -17.59 -3.50
CA LYS D 96 30.87 -17.82 -4.39
C LYS D 96 31.31 -19.30 -4.33
N LYS D 97 31.25 -19.92 -3.16
CA LYS D 97 31.63 -21.34 -3.05
C LYS D 97 30.59 -22.20 -3.75
N ILE D 98 29.32 -21.86 -3.56
CA ILE D 98 28.23 -22.60 -4.16
C ILE D 98 28.22 -22.59 -5.69
N VAL D 99 28.44 -21.42 -6.26
CA VAL D 99 28.39 -21.28 -7.70
C VAL D 99 29.58 -21.86 -8.44
N SER D 100 30.67 -22.08 -7.72
CA SER D 100 31.90 -22.60 -8.32
C SER D 100 31.85 -24.10 -8.62
N ASP D 101 30.74 -24.50 -9.21
CA ASP D 101 30.43 -25.88 -9.56
C ASP D 101 30.06 -25.88 -11.05
N GLY D 102 30.12 -27.05 -11.69
CA GLY D 102 29.77 -27.14 -13.08
C GLY D 102 28.35 -26.67 -13.38
N ASN D 103 27.45 -26.77 -12.39
CA ASN D 103 26.06 -26.33 -12.59
C ASN D 103 25.83 -24.84 -12.31
N GLY D 104 26.81 -24.16 -11.75
CA GLY D 104 26.70 -22.73 -11.50
C GLY D 104 25.49 -22.22 -10.72
N MET D 105 24.83 -21.20 -11.27
CA MET D 105 23.69 -20.60 -10.59
C MET D 105 22.44 -21.46 -10.58
N ASN D 106 22.49 -22.62 -11.23
CA ASN D 106 21.35 -23.51 -11.20
C ASN D 106 21.15 -24.02 -9.77
N ALA D 107 22.09 -23.70 -8.90
CA ALA D 107 21.96 -24.08 -7.49
C ALA D 107 20.79 -23.33 -6.82
N TRP D 108 20.36 -22.23 -7.42
CA TRP D 108 19.25 -21.43 -6.89
C TRP D 108 18.02 -21.66 -7.73
N VAL D 109 17.00 -22.26 -7.11
CA VAL D 109 15.74 -22.53 -7.78
C VAL D 109 15.13 -21.23 -8.31
N ALA D 110 15.19 -20.16 -7.53
CA ALA D 110 14.64 -18.89 -7.98
C ALA D 110 15.34 -18.37 -9.22
N TRP D 111 16.66 -18.56 -9.31
CA TRP D 111 17.39 -18.11 -10.47
C TRP D 111 16.95 -18.93 -11.69
N ARG D 112 16.83 -20.25 -11.50
CA ARG D 112 16.42 -21.13 -12.62
C ARG D 112 15.06 -20.76 -13.17
N ASN D 113 14.12 -20.46 -12.28
CA ASN D 113 12.75 -20.15 -12.70
C ASN D 113 12.45 -18.74 -13.20
N ARG D 114 13.16 -17.74 -12.67
CA ARG D 114 12.88 -16.36 -13.05
C ARG D 114 13.99 -15.55 -13.68
N CYS D 115 15.21 -16.09 -13.67
CA CYS D 115 16.33 -15.32 -14.17
C CYS D 115 17.08 -15.92 -15.35
N LYS D 116 17.32 -17.22 -15.26
CA LYS D 116 18.04 -17.97 -16.29
C LYS D 116 17.42 -17.73 -17.67
N GLY D 117 18.27 -17.36 -18.63
CA GLY D 117 17.83 -17.13 -20.00
C GLY D 117 17.14 -15.81 -20.31
N THR D 118 16.98 -14.96 -19.31
CA THR D 118 16.31 -13.67 -19.51
C THR D 118 17.32 -12.54 -19.65
N ASP D 119 16.81 -11.35 -19.97
CA ASP D 119 17.66 -10.19 -20.11
C ASP D 119 17.91 -9.68 -18.68
N VAL D 120 18.74 -10.42 -17.96
CA VAL D 120 19.01 -10.08 -16.56
C VAL D 120 19.57 -8.69 -16.31
N GLN D 121 20.21 -8.09 -17.31
CA GLN D 121 20.76 -6.75 -17.13
C GLN D 121 19.66 -5.76 -16.73
N ALA D 122 18.41 -6.09 -17.04
CA ALA D 122 17.27 -5.26 -16.68
C ALA D 122 17.25 -5.02 -15.18
N TRP D 123 17.75 -5.98 -14.40
CA TRP D 123 17.74 -5.83 -12.94
C TRP D 123 18.71 -4.79 -12.40
N ILE D 124 19.61 -4.32 -13.25
CA ILE D 124 20.51 -3.26 -12.79
C ILE D 124 20.29 -2.01 -13.66
N ARG D 125 19.27 -2.04 -14.49
CA ARG D 125 18.93 -0.91 -15.37
C ARG D 125 18.50 0.27 -14.51
N GLY D 126 18.94 1.46 -14.86
CA GLY D 126 18.59 2.63 -14.10
C GLY D 126 19.36 2.76 -12.80
N CYS D 127 20.31 1.86 -12.55
CA CYS D 127 21.07 1.93 -11.30
C CYS D 127 22.38 2.67 -11.45
N ARG D 128 22.66 3.53 -10.47
CA ARG D 128 23.88 4.32 -10.46
C ARG D 128 25.08 3.46 -10.05
#